data_4ZYZ
#
_entry.id   4ZYZ
#
_cell.length_a   75.501
_cell.length_b   75.501
_cell.length_c   101.111
_cell.angle_alpha   90.000
_cell.angle_beta   90.000
_cell.angle_gamma   120.000
#
_symmetry.space_group_name_H-M   'P 32 2 1'
#
loop_
_entity.id
_entity.type
_entity.pdbx_description
1 polymer 'Trifunctional purine biosynthetic protein adenosine-3'
2 non-polymer 'GLYCINAMIDE RIBONUCLEOTIDE'
3 non-polymer '(S)-2-(7-(2-Amino-4-oxo-4,7-dihydro-3H-pyrrolo[2,3-d]pyrimidin-6-yl)heptanamido)pentanedioic acid'
4 water water
#
_entity_poly.entity_id   1
_entity_poly.type   'polypeptide(L)'
_entity_poly.pdbx_seq_one_letter_code
;MARVAVLISGTGSNLQALIDSTREPNSSAQIDIVISNKAAVAGLDKAERAGIPTRVINHKLYKNRVEFDSAIDLVLEEFS
IDIVCLAGFMRILSGPFVQKWNGKMLNIHPSLLPSFKGSNAHEQALETGVTVTGCTVHFVAEDVDAGQIILQEAVPVKRG
DTVATLSERVKLAEHKIFPAALQLVASGTVQLGENGKICWVKEEHHHHHH
;
_entity_poly.pdbx_strand_id   A
#
loop_
_chem_comp.id
_chem_comp.type
_chem_comp.name
_chem_comp.formula
3YD non-polymer '(S)-2-(7-(2-Amino-4-oxo-4,7-dihydro-3H-pyrrolo[2,3-d]pyrimidin-6-yl)heptanamido)pentanedioic acid' 'C18 H25 N5 O6'
GAR non-polymer 'GLYCINAMIDE RIBONUCLEOTIDE' 'C7 H13 N2 O8 P -2'
#
# COMPACT_ATOMS: atom_id res chain seq x y z
N ALA A 2 -3.93 -6.85 15.28
CA ALA A 2 -2.70 -6.22 14.78
C ALA A 2 -2.89 -4.73 14.55
N ARG A 3 -1.83 -3.98 14.85
CA ARG A 3 -1.84 -2.52 14.81
C ARG A 3 -1.23 -2.07 13.50
N VAL A 4 -1.97 -1.22 12.76
CA VAL A 4 -1.60 -0.89 11.40
C VAL A 4 -1.36 0.60 11.18
N ALA A 5 -0.30 0.92 10.45
CA ALA A 5 -0.07 2.27 9.95
C ALA A 5 -0.38 2.27 8.47
N VAL A 6 -1.05 3.30 7.98
CA VAL A 6 -1.24 3.43 6.54
C VAL A 6 -0.48 4.66 6.07
N LEU A 7 0.38 4.46 5.09
CA LEU A 7 1.16 5.55 4.52
C LEU A 7 0.55 5.97 3.19
N ILE A 8 0.40 7.28 2.98
CA ILE A 8 -0.25 7.81 1.79
C ILE A 8 0.55 8.97 1.21
N SER A 9 0.25 9.34 -0.05
CA SER A 9 0.80 10.57 -0.65
C SER A 9 -0.29 11.40 -1.32
N GLY A 10 -1.53 10.92 -1.31
CA GLY A 10 -2.56 11.55 -2.13
C GLY A 10 -4.02 11.42 -1.73
N THR A 11 -4.84 11.04 -2.71
CA THR A 11 -6.29 11.04 -2.58
C THR A 11 -6.81 10.18 -1.43
N GLY A 12 -6.27 8.97 -1.31
CA GLY A 12 -6.61 8.10 -0.21
C GLY A 12 -7.83 7.22 -0.39
N SER A 13 -8.19 6.89 -1.63
CA SER A 13 -9.31 5.96 -1.82
C SER A 13 -8.97 4.58 -1.26
N ASN A 14 -7.73 4.12 -1.43
CA ASN A 14 -7.35 2.85 -0.82
C ASN A 14 -7.40 2.94 0.70
N LEU A 15 -6.94 4.07 1.26
CA LEU A 15 -7.04 4.28 2.70
C LEU A 15 -8.49 4.16 3.16
N GLN A 16 -9.42 4.78 2.45
CA GLN A 16 -10.82 4.71 2.86
C GLN A 16 -11.33 3.27 2.85
N ALA A 17 -10.97 2.49 1.82
CA ALA A 17 -11.41 1.10 1.78
C ALA A 17 -10.85 0.30 2.97
N LEU A 18 -9.61 0.61 3.36
CA LEU A 18 -8.99 -0.04 4.52
C LEU A 18 -9.66 0.42 5.82
N ILE A 19 -10.01 1.70 5.91
CA ILE A 19 -10.73 2.18 7.09
C ILE A 19 -12.04 1.44 7.22
N ASP A 20 -12.79 1.34 6.13
CA ASP A 20 -14.09 0.66 6.15
C ASP A 20 -13.94 -0.80 6.57
N SER A 21 -12.96 -1.50 5.99
N SER A 21 -12.96 -1.48 5.99
CA SER A 21 -12.81 -2.92 6.26
CA SER A 21 -12.77 -2.90 6.26
C SER A 21 -12.34 -3.20 7.69
C SER A 21 -12.34 -3.18 7.68
N THR A 22 -11.42 -2.37 8.19
CA THR A 22 -10.81 -2.63 9.50
C THR A 22 -11.76 -2.28 10.63
N ARG A 23 -12.89 -1.65 10.31
CA ARG A 23 -13.88 -1.31 11.33
C ARG A 23 -15.00 -2.35 11.44
N GLU A 24 -15.01 -3.32 10.52
N GLU A 24 -15.00 -3.32 10.52
CA GLU A 24 -15.96 -4.42 10.61
CA GLU A 24 -15.92 -4.45 10.60
C GLU A 24 -15.61 -5.26 11.84
C GLU A 24 -15.59 -5.26 11.85
N PRO A 25 -16.62 -5.79 12.53
CA PRO A 25 -16.39 -6.50 13.80
C PRO A 25 -15.31 -7.58 13.74
N ASN A 26 -15.26 -8.35 12.66
CA ASN A 26 -14.31 -9.46 12.60
C ASN A 26 -12.93 -9.07 12.09
N SER A 27 -12.70 -7.77 11.91
CA SER A 27 -11.38 -7.32 11.48
C SER A 27 -10.28 -7.66 12.47
N SER A 28 -9.20 -8.25 11.96
N SER A 28 -9.20 -8.24 11.97
CA SER A 28 -8.02 -8.54 12.76
CA SER A 28 -8.03 -8.54 12.79
C SER A 28 -7.04 -7.38 12.81
C SER A 28 -7.00 -7.41 12.75
N ALA A 29 -7.37 -6.31 12.10
CA ALA A 29 -6.49 -5.15 11.98
C ALA A 29 -7.19 -3.90 12.48
N GLN A 30 -6.43 -3.02 13.12
CA GLN A 30 -6.92 -1.70 13.49
C GLN A 30 -5.93 -0.67 12.94
N ILE A 31 -6.44 0.41 12.36
CA ILE A 31 -5.57 1.46 11.86
C ILE A 31 -5.36 2.49 12.95
N ASP A 32 -4.12 2.64 13.39
CA ASP A 32 -3.80 3.51 14.53
C ASP A 32 -3.11 4.80 14.15
N ILE A 33 -2.60 4.88 12.92
CA ILE A 33 -1.93 6.10 12.47
C ILE A 33 -1.91 6.15 10.95
N VAL A 34 -2.14 7.35 10.42
CA VAL A 34 -2.00 7.58 8.98
C VAL A 34 -0.87 8.59 8.80
N ILE A 35 0.10 8.23 7.97
CA ILE A 35 1.25 9.09 7.70
C ILE A 35 1.28 9.50 6.24
N SER A 36 1.33 10.80 5.99
CA SER A 36 1.50 11.30 4.63
C SER A 36 2.85 11.97 4.48
N ASN A 37 3.48 11.81 3.31
CA ASN A 37 4.69 12.59 3.04
C ASN A 37 4.35 13.93 2.39
N LYS A 38 3.06 14.20 2.22
CA LYS A 38 2.61 15.44 1.61
C LYS A 38 1.48 16.09 2.40
N ALA A 39 1.59 17.40 2.62
CA ALA A 39 0.57 18.15 3.33
C ALA A 39 -0.67 18.37 2.46
N ALA A 40 -1.81 18.55 3.11
CA ALA A 40 -3.03 19.00 2.44
C ALA A 40 -3.50 18.07 1.32
N VAL A 41 -3.33 16.77 1.51
CA VAL A 41 -3.87 15.82 0.55
C VAL A 41 -5.19 15.29 1.10
N ALA A 42 -6.06 14.83 0.21
CA ALA A 42 -7.41 14.42 0.60
C ALA A 42 -7.42 13.22 1.55
N GLY A 43 -6.41 12.36 1.46
CA GLY A 43 -6.31 11.21 2.34
C GLY A 43 -6.26 11.60 3.81
N LEU A 44 -5.67 12.76 4.11
CA LEU A 44 -5.61 13.24 5.49
C LEU A 44 -6.99 13.63 5.99
N ASP A 45 -7.79 14.25 5.13
CA ASP A 45 -9.17 14.58 5.46
C ASP A 45 -9.95 13.30 5.79
N LYS A 46 -9.72 12.26 5.02
CA LYS A 46 -10.44 11.01 5.21
C LYS A 46 -10.07 10.39 6.56
N ALA A 47 -8.80 10.46 6.92
CA ALA A 47 -8.36 9.91 8.19
C ALA A 47 -8.94 10.73 9.35
N GLU A 48 -8.91 12.05 9.23
CA GLU A 48 -9.46 12.94 10.27
C GLU A 48 -10.94 12.66 10.48
N ARG A 49 -11.67 12.54 9.38
CA ARG A 49 -13.11 12.28 9.44
C ARG A 49 -13.39 10.98 10.15
N ALA A 50 -12.47 10.01 10.02
CA ALA A 50 -12.62 8.70 10.65
C ALA A 50 -12.07 8.67 12.07
N GLY A 51 -11.56 9.79 12.56
CA GLY A 51 -11.04 9.87 13.91
C GLY A 51 -9.72 9.16 14.11
N ILE A 52 -8.94 9.04 13.04
CA ILE A 52 -7.63 8.42 13.09
C ILE A 52 -6.54 9.49 13.11
N PRO A 53 -5.57 9.38 14.05
CA PRO A 53 -4.44 10.30 14.11
C PRO A 53 -3.68 10.38 12.79
N THR A 54 -3.16 11.56 12.46
CA THR A 54 -2.35 11.72 11.25
C THR A 54 -1.02 12.42 11.56
N ARG A 55 -0.01 12.10 10.75
N ARG A 55 0.00 12.10 10.76
CA ARG A 55 1.26 12.80 10.80
CA ARG A 55 1.25 12.84 10.81
C ARG A 55 1.71 13.12 9.38
C ARG A 55 1.71 13.12 9.39
N VAL A 56 2.22 14.33 9.17
CA VAL A 56 2.83 14.67 7.90
C VAL A 56 4.34 14.68 8.08
N ILE A 57 5.02 13.82 7.33
CA ILE A 57 6.47 13.80 7.30
C ILE A 57 6.95 14.13 5.90
N ASN A 58 7.31 15.39 5.69
CA ASN A 58 7.74 15.90 4.40
C ASN A 58 9.13 15.42 4.01
N HIS A 59 9.22 14.58 2.99
CA HIS A 59 10.50 14.02 2.57
C HIS A 59 11.48 15.11 2.10
N LYS A 60 10.92 16.24 1.65
CA LYS A 60 11.74 17.34 1.15
C LYS A 60 12.61 17.96 2.23
N LEU A 61 12.23 17.75 3.48
CA LEU A 61 12.92 18.38 4.61
C LEU A 61 14.09 17.55 5.13
N TYR A 62 14.34 16.40 4.49
CA TYR A 62 15.38 15.49 4.97
C TYR A 62 16.54 15.40 3.98
N LYS A 63 17.74 15.22 4.52
CA LYS A 63 18.95 15.20 3.72
C LYS A 63 18.95 14.04 2.73
N ASN A 64 18.46 12.89 3.16
CA ASN A 64 18.43 11.73 2.30
C ASN A 64 17.30 10.77 2.65
N ARG A 65 17.25 9.66 1.93
N ARG A 65 17.25 9.65 1.94
CA ARG A 65 16.21 8.65 2.09
CA ARG A 65 16.19 8.66 2.10
C ARG A 65 16.21 8.00 3.47
C ARG A 65 16.20 8.01 3.48
N VAL A 66 17.40 7.69 3.97
CA VAL A 66 17.56 7.03 5.26
C VAL A 66 17.06 7.90 6.43
N GLU A 67 17.30 9.20 6.35
CA GLU A 67 16.84 10.11 7.40
C GLU A 67 15.32 10.22 7.41
N PHE A 68 14.74 10.28 6.22
CA PHE A 68 13.29 10.36 6.05
C PHE A 68 12.63 9.10 6.61
N ASP A 69 13.16 7.94 6.21
CA ASP A 69 12.64 6.66 6.69
C ASP A 69 12.75 6.54 8.21
N SER A 70 13.82 7.10 8.78
N SER A 70 13.81 7.09 8.78
CA SER A 70 14.01 7.07 10.22
CA SER A 70 14.00 7.07 10.22
C SER A 70 12.92 7.86 10.92
C SER A 70 12.93 7.88 10.93
N ALA A 71 12.52 8.98 10.31
CA ALA A 71 11.45 9.80 10.86
C ALA A 71 10.14 9.04 10.82
N ILE A 72 9.91 8.29 9.75
CA ILE A 72 8.73 7.46 9.66
C ILE A 72 8.77 6.40 10.74
N ASP A 73 9.91 5.72 10.84
CA ASP A 73 10.06 4.60 11.77
C ASP A 73 9.81 5.03 13.21
N LEU A 74 10.22 6.25 13.55
CA LEU A 74 10.01 6.77 14.90
C LEU A 74 8.52 6.83 15.22
N VAL A 75 7.72 7.25 14.25
CA VAL A 75 6.28 7.35 14.45
C VAL A 75 5.66 5.94 14.53
N LEU A 76 6.16 5.01 13.72
CA LEU A 76 5.69 3.64 13.78
C LEU A 76 5.93 3.03 15.17
N GLU A 77 7.08 3.34 15.76
CA GLU A 77 7.39 2.85 17.10
C GLU A 77 6.52 3.53 18.15
N GLU A 78 6.30 4.83 17.95
CA GLU A 78 5.44 5.60 18.84
C GLU A 78 4.07 4.94 18.99
N PHE A 79 3.56 4.43 17.87
CA PHE A 79 2.22 3.85 17.86
C PHE A 79 2.23 2.33 17.94
N SER A 80 3.38 1.75 18.29
N SER A 80 3.39 1.76 18.27
CA SER A 80 3.51 0.29 18.45
CA SER A 80 3.54 0.31 18.45
C SER A 80 2.92 -0.47 17.27
C SER A 80 2.96 -0.48 17.28
N ILE A 81 3.31 -0.05 16.07
CA ILE A 81 2.75 -0.62 14.86
C ILE A 81 3.30 -2.01 14.55
N ASP A 82 2.40 -2.89 14.10
CA ASP A 82 2.75 -4.25 13.68
C ASP A 82 2.89 -4.41 12.17
N ILE A 83 2.03 -3.70 11.43
CA ILE A 83 1.92 -3.85 9.98
C ILE A 83 1.84 -2.49 9.34
N VAL A 84 2.57 -2.30 8.24
CA VAL A 84 2.53 -1.06 7.48
C VAL A 84 1.88 -1.30 6.13
N CYS A 85 0.92 -0.45 5.75
CA CYS A 85 0.31 -0.50 4.41
C CYS A 85 0.69 0.73 3.62
N LEU A 86 1.29 0.53 2.44
CA LEU A 86 1.59 1.63 1.53
C LEU A 86 0.40 1.77 0.58
N ALA A 87 -0.34 2.85 0.71
CA ALA A 87 -1.59 3.02 -0.02
C ALA A 87 -1.54 4.32 -0.81
N GLY A 88 -0.95 4.25 -2.00
CA GLY A 88 -0.70 5.45 -2.79
C GLY A 88 0.48 6.25 -2.29
N PHE A 89 1.30 5.63 -1.44
CA PHE A 89 2.55 6.23 -0.96
C PHE A 89 3.60 6.13 -2.06
N MET A 90 4.16 7.26 -2.48
CA MET A 90 4.95 7.24 -3.71
C MET A 90 6.43 7.47 -3.49
N ARG A 91 6.97 6.98 -2.37
CA ARG A 91 8.41 7.05 -2.13
C ARG A 91 9.01 5.66 -2.07
N ILE A 92 10.18 5.51 -2.67
CA ILE A 92 10.99 4.31 -2.52
C ILE A 92 11.59 4.28 -1.14
N LEU A 93 11.46 3.15 -0.44
CA LEU A 93 11.97 3.02 0.92
C LEU A 93 13.38 2.44 0.91
N SER A 94 14.18 2.83 1.90
CA SER A 94 15.57 2.39 2.00
C SER A 94 15.68 0.92 2.40
N GLY A 95 16.81 0.31 2.06
CA GLY A 95 17.06 -1.08 2.37
C GLY A 95 16.88 -1.46 3.83
N PRO A 96 17.52 -0.72 4.75
CA PRO A 96 17.39 -1.09 6.15
C PRO A 96 15.94 -0.99 6.68
N PHE A 97 15.20 0.00 6.21
CA PHE A 97 13.82 0.17 6.65
C PHE A 97 12.99 -1.02 6.16
N VAL A 98 13.19 -1.39 4.89
CA VAL A 98 12.51 -2.53 4.31
C VAL A 98 12.87 -3.83 5.05
N GLN A 99 14.14 -4.01 5.37
CA GLN A 99 14.53 -5.23 6.08
C GLN A 99 13.91 -5.29 7.46
N LYS A 100 13.86 -4.14 8.15
CA LYS A 100 13.29 -4.10 9.49
C LYS A 100 11.82 -4.52 9.46
N TRP A 101 11.11 -4.09 8.42
CA TRP A 101 9.67 -4.36 8.34
C TRP A 101 9.36 -5.53 7.43
N ASN A 102 10.38 -6.34 7.15
CA ASN A 102 10.21 -7.49 6.26
C ASN A 102 9.11 -8.44 6.78
N GLY A 103 8.15 -8.74 5.91
CA GLY A 103 7.03 -9.61 6.22
C GLY A 103 5.92 -8.87 6.95
N LYS A 104 6.07 -7.56 7.11
N LYS A 104 6.11 -7.57 7.12
CA LYS A 104 5.06 -6.78 7.83
CA LYS A 104 5.17 -6.73 7.87
C LYS A 104 4.62 -5.54 7.06
C LYS A 104 4.72 -5.49 7.10
N MET A 105 5.11 -5.38 5.83
CA MET A 105 4.80 -4.20 5.06
C MET A 105 4.24 -4.57 3.70
N LEU A 106 3.05 -4.04 3.39
CA LEU A 106 2.28 -4.37 2.19
C LEU A 106 2.18 -3.15 1.29
N ASN A 107 2.18 -3.38 -0.03
CA ASN A 107 1.98 -2.30 -1.01
C ASN A 107 0.92 -2.69 -2.02
N ILE A 108 0.18 -1.71 -2.53
CA ILE A 108 -0.75 -1.95 -3.64
C ILE A 108 -0.15 -1.31 -4.89
N HIS A 109 -0.20 -2.06 -5.99
CA HIS A 109 0.36 -1.59 -7.26
C HIS A 109 -0.66 -1.85 -8.37
N PRO A 110 -0.91 -0.85 -9.22
CA PRO A 110 -2.00 -0.97 -10.20
C PRO A 110 -1.61 -1.64 -11.52
N SER A 111 -0.96 -2.80 -11.41
CA SER A 111 -0.79 -3.70 -12.54
C SER A 111 -0.81 -5.13 -12.01
N LEU A 112 -0.87 -6.08 -12.93
CA LEU A 112 -0.60 -7.47 -12.58
C LEU A 112 0.92 -7.70 -12.64
N LEU A 113 1.59 -7.51 -11.50
CA LEU A 113 3.02 -7.77 -11.44
C LEU A 113 3.25 -9.22 -11.86
N PRO A 114 4.35 -9.49 -12.54
CA PRO A 114 5.52 -8.61 -12.76
C PRO A 114 5.44 -7.65 -13.97
N SER A 115 4.30 -7.55 -14.64
CA SER A 115 4.18 -6.56 -15.72
C SER A 115 4.09 -5.15 -15.14
N PHE A 116 4.66 -4.21 -15.88
CA PHE A 116 4.46 -2.77 -15.65
C PHE A 116 4.83 -2.34 -14.23
N LYS A 117 6.05 -2.68 -13.83
CA LYS A 117 6.61 -2.17 -12.58
C LYS A 117 6.84 -0.67 -12.70
N GLY A 118 6.85 0.04 -11.58
CA GLY A 118 7.17 1.46 -11.63
C GLY A 118 5.97 2.39 -11.49
N SER A 119 6.19 3.69 -11.74
CA SER A 119 5.26 4.72 -11.26
C SER A 119 4.07 5.06 -12.15
N ASN A 120 4.14 4.64 -13.41
N ASN A 120 4.15 4.71 -13.43
CA ASN A 120 3.13 4.96 -14.42
CA ASN A 120 3.05 4.99 -14.36
C ASN A 120 2.52 3.71 -15.04
C ASN A 120 2.57 3.71 -15.02
N ALA A 121 2.07 2.79 -14.20
CA ALA A 121 1.67 1.47 -14.69
C ALA A 121 0.57 1.55 -15.75
N HIS A 122 -0.42 2.43 -15.56
CA HIS A 122 -1.51 2.50 -16.54
C HIS A 122 -1.01 3.01 -17.88
N GLU A 123 -0.12 4.00 -17.85
CA GLU A 123 0.45 4.49 -19.10
C GLU A 123 1.15 3.36 -19.84
N GLN A 124 1.87 2.53 -19.09
CA GLN A 124 2.58 1.41 -19.67
C GLN A 124 1.63 0.38 -20.26
N ALA A 125 0.58 0.06 -19.50
CA ALA A 125 -0.39 -0.93 -19.95
C ALA A 125 -1.07 -0.46 -21.25
N LEU A 126 -1.41 0.81 -21.31
CA LEU A 126 -2.06 1.34 -22.50
C LEU A 126 -1.10 1.38 -23.68
N GLU A 127 0.15 1.79 -23.45
CA GLU A 127 1.14 1.83 -24.53
C GLU A 127 1.41 0.43 -25.10
N THR A 128 1.48 -0.56 -24.22
CA THR A 128 1.75 -1.93 -24.61
C THR A 128 0.58 -2.55 -25.35
N GLY A 129 -0.63 -2.17 -24.97
CA GLY A 129 -1.82 -2.65 -25.67
C GLY A 129 -2.41 -3.91 -25.08
N VAL A 130 -2.17 -4.19 -23.80
CA VAL A 130 -2.82 -5.33 -23.17
C VAL A 130 -4.35 -5.12 -23.17
N THR A 131 -5.10 -6.22 -23.17
CA THR A 131 -6.54 -6.14 -22.98
C THR A 131 -6.95 -6.56 -21.57
N VAL A 132 -5.99 -7.06 -20.79
CA VAL A 132 -6.21 -7.39 -19.39
C VAL A 132 -5.10 -6.79 -18.56
N THR A 133 -5.46 -5.97 -17.57
CA THR A 133 -4.49 -5.47 -16.59
C THR A 133 -5.03 -5.88 -15.22
N GLY A 134 -4.70 -5.14 -14.17
CA GLY A 134 -5.21 -5.49 -12.86
C GLY A 134 -4.42 -4.79 -11.79
N CYS A 135 -4.48 -5.34 -10.57
CA CYS A 135 -3.72 -4.78 -9.47
C CYS A 135 -3.17 -5.91 -8.62
N THR A 136 -2.17 -5.56 -7.82
CA THR A 136 -1.41 -6.51 -7.01
C THR A 136 -1.15 -5.95 -5.62
N VAL A 137 -1.41 -6.75 -4.59
CA VAL A 137 -0.90 -6.46 -3.26
C VAL A 137 0.27 -7.39 -2.99
N HIS A 138 1.41 -6.82 -2.59
CA HIS A 138 2.59 -7.62 -2.37
C HIS A 138 3.33 -7.17 -1.11
N PHE A 139 4.10 -8.09 -0.53
CA PHE A 139 5.04 -7.70 0.52
C PHE A 139 6.11 -6.83 -0.09
N VAL A 140 6.53 -5.81 0.65
CA VAL A 140 7.56 -4.90 0.17
C VAL A 140 8.95 -5.47 0.39
N ALA A 141 9.70 -5.63 -0.70
CA ALA A 141 11.10 -6.05 -0.67
C ALA A 141 11.95 -4.86 -1.10
N GLU A 142 13.28 -4.98 -1.00
N GLU A 142 13.28 -4.99 -1.01
CA GLU A 142 14.13 -3.84 -1.32
CA GLU A 142 14.15 -3.88 -1.36
C GLU A 142 13.96 -3.43 -2.78
C GLU A 142 13.97 -3.47 -2.82
N ASP A 143 13.98 -4.40 -3.69
N ASP A 143 13.93 -4.47 -3.71
CA ASP A 143 13.73 -4.12 -5.09
CA ASP A 143 13.69 -4.23 -5.13
C ASP A 143 12.26 -3.79 -5.30
C ASP A 143 12.23 -3.80 -5.33
N VAL A 144 12.02 -2.61 -5.87
CA VAL A 144 10.67 -2.07 -6.01
C VAL A 144 9.77 -2.96 -6.86
N ASP A 145 8.58 -3.23 -6.32
CA ASP A 145 7.53 -3.99 -7.01
C ASP A 145 7.94 -5.44 -7.31
N ALA A 146 8.90 -5.95 -6.54
CA ALA A 146 9.42 -7.31 -6.75
C ALA A 146 9.17 -8.25 -5.58
N GLY A 147 8.58 -7.75 -4.50
CA GLY A 147 8.32 -8.57 -3.32
C GLY A 147 7.22 -9.60 -3.54
N GLN A 148 7.05 -10.48 -2.56
CA GLN A 148 6.15 -11.62 -2.69
C GLN A 148 4.69 -11.22 -2.83
N ILE A 149 4.06 -11.76 -3.88
CA ILE A 149 2.66 -11.42 -4.17
C ILE A 149 1.70 -12.10 -3.21
N ILE A 150 0.76 -11.32 -2.68
CA ILE A 150 -0.26 -11.84 -1.77
C ILE A 150 -1.59 -12.08 -2.50
N LEU A 151 -2.14 -11.04 -3.14
CA LEU A 151 -3.36 -11.15 -3.92
C LEU A 151 -3.25 -10.33 -5.19
N GLN A 152 -4.02 -10.71 -6.20
CA GLN A 152 -4.10 -9.96 -7.45
C GLN A 152 -5.52 -10.04 -7.94
N GLU A 153 -5.94 -9.07 -8.76
CA GLU A 153 -7.24 -9.13 -9.41
C GLU A 153 -7.11 -8.56 -10.80
N ALA A 154 -7.56 -9.32 -11.78
CA ALA A 154 -7.57 -8.88 -13.18
C ALA A 154 -8.70 -7.91 -13.46
N VAL A 155 -8.41 -6.95 -14.32
CA VAL A 155 -9.35 -5.91 -14.73
C VAL A 155 -9.21 -5.71 -16.24
N PRO A 156 -10.34 -5.69 -16.97
CA PRO A 156 -10.22 -5.54 -18.42
C PRO A 156 -9.83 -4.13 -18.82
N VAL A 157 -9.10 -4.03 -19.92
CA VAL A 157 -8.86 -2.74 -20.60
C VAL A 157 -9.90 -2.62 -21.68
N LYS A 158 -10.62 -1.50 -21.70
CA LYS A 158 -11.60 -1.27 -22.73
C LYS A 158 -10.99 -0.42 -23.83
N ARG A 159 -11.40 -0.66 -25.06
N ARG A 159 -11.39 -0.67 -25.08
CA ARG A 159 -10.88 0.13 -26.17
CA ARG A 159 -10.89 0.12 -26.19
C ARG A 159 -11.29 1.59 -25.99
C ARG A 159 -11.28 1.58 -25.97
N GLY A 160 -10.32 2.47 -26.18
CA GLY A 160 -10.52 3.88 -25.94
C GLY A 160 -10.18 4.32 -24.53
N ASP A 161 -9.77 3.37 -23.66
CA ASP A 161 -9.42 3.73 -22.29
C ASP A 161 -8.33 4.77 -22.26
N THR A 162 -8.37 5.57 -21.21
CA THR A 162 -7.30 6.50 -20.87
C THR A 162 -6.83 6.15 -19.48
N VAL A 163 -5.76 6.80 -19.03
CA VAL A 163 -5.36 6.65 -17.63
C VAL A 163 -6.55 6.97 -16.71
N ALA A 164 -7.32 8.01 -17.03
CA ALA A 164 -8.48 8.36 -16.21
C ALA A 164 -9.48 7.20 -16.07
N THR A 165 -9.88 6.62 -17.19
CA THR A 165 -10.94 5.60 -17.11
C THR A 165 -10.39 4.25 -16.65
N LEU A 166 -9.16 3.92 -17.06
CA LEU A 166 -8.56 2.66 -16.63
C LEU A 166 -8.24 2.67 -15.14
N SER A 167 -7.65 3.77 -14.64
N SER A 167 -7.64 3.76 -14.65
CA SER A 167 -7.31 3.84 -13.23
CA SER A 167 -7.32 3.87 -13.22
C SER A 167 -8.57 3.74 -12.38
C SER A 167 -8.56 3.78 -12.36
N GLU A 168 -9.66 4.36 -12.84
CA GLU A 168 -10.92 4.32 -12.14
C GLU A 168 -11.42 2.87 -12.00
N ARG A 169 -11.32 2.11 -13.09
CA ARG A 169 -11.79 0.73 -13.08
C ARG A 169 -10.91 -0.14 -12.20
N VAL A 170 -9.60 0.06 -12.31
CA VAL A 170 -8.67 -0.74 -11.51
C VAL A 170 -8.79 -0.42 -10.02
N LYS A 171 -9.09 0.83 -9.66
CA LYS A 171 -9.25 1.17 -8.24
C LYS A 171 -10.38 0.41 -7.59
N LEU A 172 -11.44 0.06 -8.33
CA LEU A 172 -12.52 -0.73 -7.76
C LEU A 172 -11.99 -2.08 -7.26
N ALA A 173 -11.05 -2.64 -8.02
CA ALA A 173 -10.44 -3.92 -7.64
C ALA A 173 -9.44 -3.71 -6.50
N GLU A 174 -8.70 -2.60 -6.54
CA GLU A 174 -7.73 -2.31 -5.48
C GLU A 174 -8.44 -2.29 -4.14
N HIS A 175 -9.63 -1.70 -4.12
CA HIS A 175 -10.40 -1.55 -2.88
C HIS A 175 -10.96 -2.86 -2.36
N LYS A 176 -10.91 -3.89 -3.20
N LYS A 176 -10.89 -3.90 -3.19
CA LYS A 176 -11.28 -5.24 -2.79
CA LYS A 176 -11.28 -5.23 -2.75
C LYS A 176 -10.06 -5.98 -2.22
C LYS A 176 -10.08 -6.01 -2.23
N ILE A 177 -9.01 -6.06 -3.02
CA ILE A 177 -7.88 -6.91 -2.63
C ILE A 177 -7.02 -6.32 -1.52
N PHE A 178 -6.93 -4.99 -1.38
CA PHE A 178 -6.04 -4.49 -0.33
C PHE A 178 -6.64 -4.80 1.06
N PRO A 179 -7.92 -4.52 1.29
CA PRO A 179 -8.52 -4.96 2.55
C PRO A 179 -8.42 -6.46 2.79
N ALA A 180 -8.64 -7.26 1.73
CA ALA A 180 -8.58 -8.70 1.89
C ALA A 180 -7.16 -9.14 2.27
N ALA A 181 -6.16 -8.58 1.59
CA ALA A 181 -4.76 -8.92 1.89
C ALA A 181 -4.38 -8.51 3.31
N LEU A 182 -4.78 -7.32 3.72
CA LEU A 182 -4.49 -6.87 5.08
C LEU A 182 -5.07 -7.83 6.11
N GLN A 183 -6.31 -8.28 5.88
CA GLN A 183 -6.93 -9.22 6.81
C GLN A 183 -6.17 -10.54 6.84
N LEU A 184 -5.74 -11.02 5.68
CA LEU A 184 -4.96 -12.26 5.63
C LEU A 184 -3.67 -12.17 6.43
N VAL A 185 -2.97 -11.05 6.34
CA VAL A 185 -1.72 -10.90 7.06
C VAL A 185 -1.96 -10.63 8.56
N ALA A 186 -2.92 -9.75 8.86
CA ALA A 186 -3.19 -9.40 10.25
C ALA A 186 -3.68 -10.59 11.07
N SER A 187 -4.39 -11.50 10.42
CA SER A 187 -4.93 -12.67 11.10
C SER A 187 -3.90 -13.79 11.20
N GLY A 188 -2.76 -13.62 10.53
CA GLY A 188 -1.73 -14.65 10.51
C GLY A 188 -1.99 -15.76 9.52
N THR A 189 -2.99 -15.58 8.67
CA THR A 189 -3.34 -16.60 7.67
C THR A 189 -2.26 -16.68 6.60
N VAL A 190 -1.71 -15.53 6.25
CA VAL A 190 -0.65 -15.42 5.27
C VAL A 190 0.56 -14.79 5.93
N GLN A 191 1.74 -15.39 5.74
CA GLN A 191 2.96 -14.75 6.20
C GLN A 191 4.04 -14.94 5.16
N LEU A 192 5.08 -14.14 5.28
CA LEU A 192 6.25 -14.30 4.45
C LEU A 192 7.07 -15.44 5.03
N GLY A 193 7.25 -16.49 4.25
CA GLY A 193 7.99 -17.64 4.72
C GLY A 193 9.47 -17.35 4.89
N GLU A 194 10.10 -18.11 5.78
CA GLU A 194 11.53 -18.04 6.03
C GLU A 194 12.34 -18.25 4.75
N ASN A 195 11.83 -19.10 3.86
CA ASN A 195 12.44 -19.32 2.56
C ASN A 195 12.13 -18.19 1.59
N GLY A 196 11.52 -17.12 2.11
CA GLY A 196 11.23 -15.94 1.32
C GLY A 196 9.97 -16.06 0.49
N LYS A 197 9.34 -17.22 0.50
CA LYS A 197 8.14 -17.45 -0.29
C LYS A 197 6.90 -17.25 0.57
N ILE A 198 5.78 -16.89 -0.05
CA ILE A 198 4.56 -16.68 0.73
C ILE A 198 4.08 -18.01 1.33
N CYS A 199 3.59 -17.95 2.57
CA CYS A 199 3.13 -19.13 3.29
C CYS A 199 1.68 -18.94 3.73
N TRP A 200 0.80 -19.82 3.25
CA TRP A 200 -0.57 -19.85 3.74
C TRP A 200 -0.66 -20.89 4.84
N VAL A 201 -1.03 -20.45 6.03
CA VAL A 201 -1.11 -21.33 7.19
C VAL A 201 -2.46 -22.03 7.28
C1 GAR B . -3.58 3.62 -6.56
O6 GAR B . -4.08 3.32 -7.86
C2 GAR B . -2.35 2.79 -6.29
O8 GAR B . -2.43 1.44 -6.78
C3 GAR B . -1.26 3.59 -7.00
O4 GAR B . -1.61 4.93 -6.68
C5 GAR B . -3.03 5.05 -6.55
C10 GAR B . -3.36 5.73 -5.23
O12 GAR B . -4.75 6.02 -5.15
N19 GAR B . 0.04 3.24 -6.52
C21 GAR B . 1.10 3.19 -7.33
O22 GAR B . 1.07 3.56 -8.50
C23 GAR B . 2.38 2.68 -6.70
N24 GAR B . 3.52 2.73 -7.60
P15 GAR B . -5.44 6.42 -3.74
O16 GAR B . -6.83 6.82 -4.15
O17 GAR B . -4.57 7.55 -3.20
O18 GAR B . -5.36 5.17 -2.90
N1 3YD C . 10.18 0.81 -1.72
C2 3YD C . 10.83 -0.40 -1.88
N3 3YD C . 10.16 -1.52 -2.43
C4 3YD C . 8.86 -1.42 -2.91
N5 3YD C . 7.97 1.85 -2.19
C6 3YD C . 6.88 1.54 -2.69
C7 3YD C . 6.91 0.32 -3.05
C8 3YD C . 8.19 -0.24 -2.77
C9 3YD C . 8.93 0.89 -2.15
O10 3YD C . 8.38 -2.43 -3.40
N11 3YD C . 12.18 -0.55 -1.43
C12 3YD C . 8.69 6.13 -6.16
C13 3YD C . 7.86 4.92 -6.66
C14 3YD C . 6.61 4.70 -5.79
C15 3YD C . 6.88 3.63 -4.72
C16 3YD C . 5.57 2.95 -4.29
C17 3YD C . 9.49 6.71 -7.35
O18 3YD C . 9.36 6.16 -8.42
N19 3YD C . 10.37 7.87 -7.31
C20 3YD C . 10.73 8.74 -6.19
C21 3YD C . 9.54 9.33 -5.51
C22 3YD C . 8.95 10.53 -6.27
C23 3YD C . 7.65 10.92 -5.61
O24 3YD C . 6.55 10.48 -6.06
O25 3YD C . 7.66 11.67 -4.60
C26 3YD C . 11.59 8.03 -5.18
O27 3YD C . 12.79 7.78 -5.43
O28 3YD C . 11.13 7.73 -4.04
C29 3YD C . 5.65 2.46 -2.84
#